data_6EIG
#
_entry.id   6EIG
#
_cell.length_a   64.510
_cell.length_b   134.060
_cell.length_c   78.470
_cell.angle_alpha   90.000
_cell.angle_beta   90.220
_cell.angle_gamma   90.000
#
_symmetry.space_group_name_H-M   'C 1 2 1'
#
loop_
_entity.id
_entity.type
_entity.pdbx_description
1 polymer 'Archaeal-type opsin 2'
2 non-polymer '(2R)-2,3-dihydroxypropyl (9Z)-octadec-9-enoate'
3 non-polymer 'PHOSPHATE ION'
4 non-polymer EICOSANE
5 water water
#
_entity_poly.entity_id   1
_entity_poly.type   'polypeptide(L)'
_entity_poly.pdbx_seq_one_letter_code
;MDYGGALSAVGRELLFVTNPVVVQGSVLVPEDQCYCAGWIESRGTNGAQTASNVLQWLAAGFSILLLMFYAYQTWKSTCG
WEEIYVCAIEMVKVILEFFFEFKNPSMLYLATGHRVQWLRYAEWLLTTPVILIHLSNLTGLSNDYSRRTMGLLVSDIGTI
VWGATSAMATGYVKVIFFCLGLCYGANTFFHAAKAYIEGYHTVPKGRCRQVVTGMAWLFFVSWGMFPILFILGPEGFGVL
SVYGSTVGHTIIDLMS(LYR)NCWGLLGHYLRVLIHEHILIHGDIRKTTKLNIGGTEIEVETLVEDEAEAGAVNKGTGK
;
_entity_poly.pdbx_strand_id   A,B
#
loop_
_chem_comp.id
_chem_comp.type
_chem_comp.name
_chem_comp.formula
LFA non-polymer EICOSANE 'C20 H42'
OLC non-polymer '(2R)-2,3-dihydroxypropyl (9Z)-octadec-9-enoate' 'C21 H40 O4'
PO4 non-polymer 'PHOSPHATE ION' 'O4 P -3'
#
# COMPACT_ATOMS: atom_id res chain seq x y z
N SER A 26 -30.36 -6.76 -28.61
CA SER A 26 -29.50 -7.01 -29.82
C SER A 26 -29.52 -5.80 -30.75
N VAL A 27 -28.42 -5.04 -30.73
CA VAL A 27 -28.31 -3.84 -31.55
C VAL A 27 -27.82 -4.18 -32.95
N LEU A 28 -28.06 -3.26 -33.89
CA LEU A 28 -27.67 -3.45 -35.29
C LEU A 28 -26.54 -2.51 -35.69
N VAL A 29 -25.32 -3.05 -35.75
CA VAL A 29 -24.16 -2.28 -36.16
C VAL A 29 -23.90 -2.44 -37.65
N PRO A 30 -23.72 -1.31 -38.36
CA PRO A 30 -23.62 -1.33 -39.82
C PRO A 30 -22.20 -1.47 -40.35
N GLU A 31 -22.01 -2.43 -41.25
CA GLU A 31 -20.78 -2.55 -42.03
C GLU A 31 -19.50 -2.56 -41.19
N ASP A 32 -18.53 -1.77 -41.63
CA ASP A 32 -17.18 -1.79 -41.04
C ASP A 32 -17.16 -1.36 -39.57
N GLN A 33 -17.93 -0.34 -39.23
CA GLN A 33 -17.92 0.21 -37.87
C GLN A 33 -18.07 -0.90 -36.83
N CYS A 34 -17.29 -0.81 -35.76
CA CYS A 34 -17.31 -1.80 -34.69
C CYS A 34 -18.33 -1.44 -33.62
N TYR A 35 -18.51 -2.33 -32.66
CA TYR A 35 -19.37 -2.07 -31.52
C TYR A 35 -18.92 -2.82 -30.27
N CYS A 36 -19.10 -2.20 -29.12
CA CYS A 36 -18.81 -2.82 -27.84
C CYS A 36 -19.39 -1.97 -26.71
N ALA A 37 -20.33 -2.56 -25.98
CA ALA A 37 -21.05 -1.83 -24.93
C ALA A 37 -20.10 -1.06 -24.02
N GLY A 38 -18.93 -1.64 -23.74
CA GLY A 38 -17.99 -1.07 -22.79
C GLY A 38 -17.39 0.26 -23.21
N TRP A 39 -17.23 0.47 -24.51
CA TRP A 39 -16.57 1.67 -25.01
C TRP A 39 -17.45 2.91 -24.86
N ILE A 40 -18.71 2.70 -24.49
CA ILE A 40 -19.65 3.81 -24.35
C ILE A 40 -19.85 4.19 -22.88
N GLU A 41 -19.25 3.41 -21.99
CA GLU A 41 -19.38 3.66 -20.55
C GLU A 41 -18.98 5.09 -20.22
N SER A 42 -19.61 5.65 -19.20
CA SER A 42 -19.32 7.02 -18.78
C SER A 42 -17.86 7.20 -18.43
N ARG A 43 -17.31 8.38 -18.76
CA ARG A 43 -15.92 8.68 -18.47
C ARG A 43 -15.77 9.26 -17.06
N GLY A 44 -16.86 9.81 -16.54
CA GLY A 44 -16.85 10.41 -15.21
C GLY A 44 -17.73 11.63 -15.14
N THR A 45 -18.00 12.09 -13.93
CA THR A 45 -18.86 13.26 -13.72
C THR A 45 -18.22 14.51 -14.31
N ASN A 46 -19.06 15.52 -14.57
CA ASN A 46 -18.59 16.78 -15.13
C ASN A 46 -17.62 17.46 -14.16
N GLY A 47 -17.90 17.34 -12.87
CA GLY A 47 -17.04 17.92 -11.84
C GLY A 47 -15.64 17.34 -11.92
N ALA A 48 -15.55 16.03 -12.13
CA ALA A 48 -14.26 15.36 -12.25
C ALA A 48 -13.59 15.74 -13.56
N GLN A 49 -14.40 15.97 -14.59
CA GLN A 49 -13.89 16.37 -15.89
C GLN A 49 -13.21 17.73 -15.79
N THR A 50 -13.80 18.62 -15.01
CA THR A 50 -13.22 19.95 -14.82
C THR A 50 -11.97 19.87 -13.95
N ALA A 51 -12.05 19.08 -12.89
CA ALA A 51 -10.91 18.92 -11.98
C ALA A 51 -9.71 18.32 -12.72
N SER A 52 -9.98 17.47 -13.69
CA SER A 52 -8.93 16.81 -14.45
C SER A 52 -8.24 17.80 -15.39
N ASN A 53 -9.04 18.53 -16.15
CA ASN A 53 -8.49 19.49 -17.11
C ASN A 53 -7.73 20.61 -16.44
N VAL A 54 -8.22 21.06 -15.28
CA VAL A 54 -7.55 22.11 -14.52
C VAL A 54 -6.17 21.65 -14.08
N LEU A 55 -6.09 20.42 -13.57
CA LEU A 55 -4.82 19.84 -13.15
C LEU A 55 -3.92 19.60 -14.35
N GLN A 56 -4.52 19.28 -15.49
CA GLN A 56 -3.77 19.05 -16.72
C GLN A 56 -3.01 20.31 -17.12
N TRP A 57 -3.69 21.45 -17.06
CA TRP A 57 -3.06 22.73 -17.38
C TRP A 57 -1.97 23.05 -16.38
N LEU A 58 -2.28 22.89 -15.09
CA LEU A 58 -1.31 23.13 -14.04
C LEU A 58 -0.05 22.29 -14.25
N ALA A 59 -0.23 21.02 -14.55
CA ALA A 59 0.88 20.11 -14.77
C ALA A 59 1.74 20.57 -15.94
N ALA A 60 1.09 21.09 -16.97
CA ALA A 60 1.79 21.57 -18.16
C ALA A 60 2.49 22.90 -17.86
N GLY A 61 1.90 23.68 -16.97
CA GLY A 61 2.46 24.97 -16.60
C GLY A 61 3.61 24.83 -15.62
N PHE A 62 3.46 23.93 -14.66
CA PHE A 62 4.49 23.68 -13.67
C PHE A 62 5.72 23.05 -14.31
N SER A 63 5.50 22.27 -15.35
CA SER A 63 6.58 21.61 -16.07
C SER A 63 7.28 22.59 -17.02
N ILE A 64 6.53 23.57 -17.50
CA ILE A 64 7.09 24.59 -18.38
C ILE A 64 7.99 25.54 -17.59
N LEU A 65 7.58 25.86 -16.36
CA LEU A 65 8.38 26.70 -15.49
C LEU A 65 9.60 25.93 -14.99
N LEU A 66 9.45 24.63 -14.84
CA LEU A 66 10.56 23.77 -14.44
C LEU A 66 11.57 23.63 -15.57
N LEU A 67 11.08 23.41 -16.78
CA LEU A 67 11.96 23.31 -17.95
C LEU A 67 12.71 24.62 -18.17
N MET A 68 12.02 25.74 -17.93
CA MET A 68 12.67 27.04 -17.99
C MET A 68 13.76 27.12 -16.94
N PHE A 69 13.41 26.70 -15.72
CA PHE A 69 14.34 26.73 -14.60
C PHE A 69 15.57 25.87 -14.86
N TYR A 70 15.36 24.67 -15.38
CA TYR A 70 16.47 23.76 -15.67
C TYR A 70 17.33 24.29 -16.82
N ALA A 71 16.67 24.70 -17.91
CA ALA A 71 17.37 25.23 -19.06
C ALA A 71 18.19 26.46 -18.66
N TYR A 72 17.60 27.31 -17.82
CA TYR A 72 18.28 28.50 -17.34
C TYR A 72 19.56 28.14 -16.62
N GLN A 73 19.51 27.10 -15.80
CA GLN A 73 20.68 26.64 -15.07
C GLN A 73 21.34 25.47 -15.78
N GLY A 80 22.00 15.68 -14.90
CA GLY A 80 21.60 16.90 -15.60
C GLY A 80 20.44 16.67 -16.54
N TRP A 81 20.59 15.68 -17.43
CA TRP A 81 19.55 15.35 -18.39
C TRP A 81 18.42 14.58 -17.71
N GLU A 82 18.73 13.99 -16.56
CA GLU A 82 17.75 13.19 -15.83
C GLU A 82 16.56 14.03 -15.38
N GLU A 83 16.81 15.28 -15.02
CA GLU A 83 15.74 16.18 -14.60
C GLU A 83 15.04 16.79 -15.81
N ILE A 84 15.80 17.01 -16.88
CA ILE A 84 15.28 17.67 -18.08
C ILE A 84 14.41 16.73 -18.90
N TYR A 85 14.97 15.60 -19.30
CA TYR A 85 14.27 14.64 -20.15
C TYR A 85 12.96 14.20 -19.51
N VAL A 86 13.01 13.86 -18.22
CA VAL A 86 11.82 13.44 -17.50
C VAL A 86 10.75 14.52 -17.51
N CYS A 87 11.16 15.76 -17.24
CA CYS A 87 10.23 16.89 -17.21
C CYS A 87 9.70 17.19 -18.60
N ALA A 88 10.49 16.88 -19.62
CA ALA A 88 10.09 17.09 -21.01
C ALA A 88 9.00 16.10 -21.40
N ILE A 89 9.17 14.85 -20.98
CA ILE A 89 8.19 13.81 -21.26
C ILE A 89 6.88 14.09 -20.50
N GLU A 90 7.00 14.71 -19.34
CA GLU A 90 5.83 15.04 -18.53
C GLU A 90 5.01 16.14 -19.20
N MET A 91 5.69 17.07 -19.87
CA MET A 91 5.01 18.16 -20.55
C MET A 91 4.29 17.64 -21.80
N VAL A 92 4.99 16.82 -22.58
CA VAL A 92 4.42 16.24 -23.79
C VAL A 92 3.18 15.41 -23.46
N LYS A 93 3.29 14.59 -22.42
CA LYS A 93 2.20 13.71 -22.02
C LYS A 93 0.92 14.49 -21.72
N VAL A 94 0.99 15.38 -20.75
CA VAL A 94 -0.18 16.15 -20.33
C VAL A 94 -0.81 16.89 -21.51
N ILE A 95 0.02 17.34 -22.44
CA ILE A 95 -0.47 18.00 -23.64
C ILE A 95 -1.31 17.01 -24.46
N LEU A 96 -0.82 15.80 -24.60
CA LEU A 96 -1.53 14.75 -25.32
C LEU A 96 -2.72 14.25 -24.50
N GLU A 97 -2.54 14.24 -23.18
CA GLU A 97 -3.59 13.77 -22.28
C GLU A 97 -4.71 14.81 -22.20
N PHE A 98 -4.47 15.97 -22.80
CA PHE A 98 -5.46 17.04 -22.82
C PHE A 98 -6.15 17.11 -24.18
N PHE A 99 -5.52 16.51 -25.19
CA PHE A 99 -6.06 16.53 -26.54
C PHE A 99 -6.54 15.15 -26.98
N PHE A 100 -5.89 14.10 -26.49
CA PHE A 100 -6.15 12.75 -26.97
C PHE A 100 -6.21 11.72 -25.85
N GLU A 101 -6.73 12.12 -24.69
CA GLU A 101 -6.77 11.21 -23.54
C GLU A 101 -7.61 9.98 -23.83
N PHE A 102 -8.69 10.15 -24.58
CA PHE A 102 -9.62 9.07 -24.88
C PHE A 102 -9.55 8.64 -26.34
N LYS A 103 -8.56 9.13 -27.06
CA LYS A 103 -8.40 8.80 -28.47
C LYS A 103 -7.21 7.85 -28.66
N ASN A 104 -7.42 6.80 -29.46
CA ASN A 104 -6.38 5.83 -29.74
C ASN A 104 -5.17 6.50 -30.39
N PRO A 105 -3.98 6.04 -30.05
CA PRO A 105 -3.81 4.92 -29.14
C PRO A 105 -3.45 5.34 -27.72
N SER A 106 -3.76 6.58 -27.36
CA SER A 106 -3.59 7.04 -25.98
C SER A 106 -4.46 6.19 -25.07
N MET A 107 -5.60 5.76 -25.59
CA MET A 107 -6.49 4.85 -24.88
C MET A 107 -6.86 3.68 -25.80
N LEU A 108 -6.76 2.47 -25.28
CA LEU A 108 -7.04 1.27 -26.05
C LEU A 108 -8.45 0.76 -25.80
N TYR A 109 -9.24 0.65 -26.87
CA TYR A 109 -10.58 0.11 -26.78
C TYR A 109 -10.55 -1.36 -27.18
N LEU A 110 -10.43 -2.23 -26.17
CA LEU A 110 -10.30 -3.67 -26.41
C LEU A 110 -11.65 -4.31 -26.69
N ALA A 111 -11.62 -5.53 -27.22
CA ALA A 111 -12.82 -6.28 -27.51
C ALA A 111 -13.51 -6.72 -26.23
N THR A 112 -12.79 -6.61 -25.12
CA THR A 112 -13.33 -6.98 -23.81
C THR A 112 -14.26 -5.88 -23.29
N GLY A 113 -14.23 -4.73 -23.93
CA GLY A 113 -15.08 -3.61 -23.53
C GLY A 113 -14.40 -2.71 -22.54
N HIS A 114 -13.19 -3.08 -22.12
CA HIS A 114 -12.43 -2.31 -21.16
C HIS A 114 -11.55 -1.28 -21.88
N ARG A 115 -11.37 -0.12 -21.26
CA ARG A 115 -10.56 0.95 -21.83
C ARG A 115 -9.23 1.06 -21.10
N VAL A 116 -8.17 0.53 -21.73
CA VAL A 116 -6.84 0.55 -21.13
C VAL A 116 -6.08 1.80 -21.55
N GLN A 117 -5.71 2.62 -20.57
CA GLN A 117 -4.99 3.86 -20.84
C GLN A 117 -3.50 3.58 -21.10
N TRP A 118 -3.18 3.31 -22.36
CA TRP A 118 -1.82 2.98 -22.75
C TRP A 118 -0.89 4.17 -22.63
N LEU A 119 -1.43 5.37 -22.81
CA LEU A 119 -0.66 6.60 -22.68
C LEU A 119 0.09 6.60 -21.36
N ARG A 120 -0.60 6.20 -20.29
CA ARG A 120 -0.04 6.18 -18.95
C ARG A 120 1.10 5.18 -18.84
N TYR A 121 0.85 3.94 -19.24
CA TYR A 121 1.81 2.87 -19.08
C TYR A 121 3.01 3.04 -20.01
N ALA A 122 2.80 3.74 -21.13
CA ALA A 122 3.88 4.02 -22.06
C ALA A 122 4.81 5.08 -21.45
N GLU A 123 4.20 6.11 -20.88
CA GLU A 123 4.97 7.18 -20.25
C GLU A 123 5.73 6.66 -19.03
N TRP A 124 5.13 5.70 -18.34
CA TRP A 124 5.78 5.05 -17.21
C TRP A 124 7.12 4.46 -17.63
N LEU A 125 7.12 3.78 -18.77
CA LEU A 125 8.32 3.11 -19.28
C LEU A 125 9.40 4.10 -19.72
N LEU A 126 9.01 5.35 -19.94
CA LEU A 126 9.94 6.36 -20.44
C LEU A 126 10.56 7.18 -19.33
N THR A 127 9.92 7.20 -18.16
CA THR A 127 10.36 8.07 -17.08
C THR A 127 10.97 7.30 -15.89
N THR A 128 10.27 6.25 -15.45
CA THR A 128 10.69 5.53 -14.26
C THR A 128 12.16 5.10 -14.32
N PRO A 129 12.60 4.59 -15.48
CA PRO A 129 14.00 4.18 -15.61
C PRO A 129 14.96 5.34 -15.34
N VAL A 130 14.63 6.52 -15.86
CA VAL A 130 15.47 7.70 -15.67
C VAL A 130 15.46 8.15 -14.22
N ILE A 131 14.31 8.01 -13.57
CA ILE A 131 14.16 8.41 -12.18
C ILE A 131 14.94 7.48 -11.25
N LEU A 132 15.01 6.21 -11.61
CA LEU A 132 15.74 5.23 -10.82
C LEU A 132 17.24 5.33 -11.09
N ILE A 133 17.57 5.75 -12.31
CA ILE A 133 18.96 6.02 -12.66
C ILE A 133 19.46 7.22 -11.88
N HIS A 134 18.59 8.22 -11.75
CA HIS A 134 18.86 9.38 -10.91
C HIS A 134 19.00 8.93 -9.47
N LEU A 135 18.21 7.93 -9.09
CA LEU A 135 18.23 7.41 -7.73
C LEU A 135 19.53 6.69 -7.42
N SER A 136 20.07 5.98 -8.40
CA SER A 136 21.30 5.23 -8.22
C SER A 136 22.51 6.15 -8.05
N ASN A 137 22.40 7.36 -8.58
CA ASN A 137 23.47 8.34 -8.47
C ASN A 137 22.94 9.66 -7.92
N LEU A 138 22.45 9.61 -6.69
CA LEU A 138 21.85 10.76 -6.04
C LEU A 138 22.78 11.98 -6.03
N THR A 139 24.02 11.77 -5.58
CA THR A 139 24.99 12.86 -5.50
C THR A 139 25.40 13.34 -6.89
N GLY A 140 25.40 12.42 -7.85
CA GLY A 140 25.74 12.75 -9.23
C GLY A 140 27.23 12.97 -9.42
N LEU A 141 28.01 12.65 -8.39
CA LEU A 141 29.45 12.83 -8.44
C LEU A 141 30.11 11.69 -9.19
N SER A 142 29.88 10.46 -8.72
CA SER A 142 30.47 9.29 -9.35
C SER A 142 30.07 9.18 -10.81
N ASN A 143 30.78 8.35 -11.56
CA ASN A 143 30.51 8.18 -12.98
C ASN A 143 30.20 6.72 -13.29
N ASP A 144 30.02 5.92 -12.23
CA ASP A 144 29.74 4.50 -12.38
C ASP A 144 28.39 4.12 -11.81
N TYR A 145 27.84 3.02 -12.29
CA TYR A 145 26.58 2.49 -11.78
C TYR A 145 26.76 1.03 -11.38
N SER A 146 26.27 0.67 -10.20
CA SER A 146 26.45 -0.67 -9.67
C SER A 146 25.47 -1.67 -10.29
N ARG A 147 25.57 -2.92 -9.88
CA ARG A 147 24.68 -3.97 -10.37
C ARG A 147 23.29 -3.84 -9.76
N ARG A 148 23.20 -3.08 -8.66
CA ARG A 148 21.92 -2.81 -8.02
C ARG A 148 21.02 -2.02 -8.98
N THR A 149 21.64 -1.16 -9.76
CA THR A 149 20.91 -0.33 -10.72
C THR A 149 20.25 -1.20 -11.80
N MET A 150 21.00 -2.18 -12.30
CA MET A 150 20.48 -3.09 -13.30
C MET A 150 19.24 -3.81 -12.77
N GLY A 151 19.35 -4.36 -11.56
CA GLY A 151 18.23 -5.04 -10.93
C GLY A 151 17.08 -4.09 -10.65
N LEU A 152 17.41 -2.87 -10.25
CA LEU A 152 16.40 -1.86 -9.95
C LEU A 152 15.64 -1.47 -11.21
N LEU A 153 16.35 -1.37 -12.32
CA LEU A 153 15.74 -1.04 -13.61
C LEU A 153 14.92 -2.21 -14.14
N VAL A 154 15.56 -3.38 -14.20
CA VAL A 154 14.91 -4.58 -14.71
C VAL A 154 13.58 -4.84 -13.99
N SER A 155 13.62 -4.80 -12.66
CA SER A 155 12.43 -5.06 -11.86
C SER A 155 11.38 -3.97 -12.06
N ASP A 156 11.84 -2.75 -12.28
CA ASP A 156 10.94 -1.62 -12.50
C ASP A 156 10.15 -1.78 -13.80
N ILE A 157 10.89 -1.99 -14.89
CA ILE A 157 10.28 -2.14 -16.20
C ILE A 157 9.35 -3.36 -16.25
N GLY A 158 9.71 -4.40 -15.50
CA GLY A 158 8.90 -5.60 -15.43
C GLY A 158 7.59 -5.34 -14.70
N THR A 159 7.67 -4.56 -13.63
CA THR A 159 6.49 -4.20 -12.85
C THR A 159 5.44 -3.55 -13.74
N ILE A 160 5.85 -2.54 -14.49
CA ILE A 160 4.94 -1.81 -15.37
C ILE A 160 4.38 -2.74 -16.44
N VAL A 161 5.22 -3.60 -16.99
CA VAL A 161 4.79 -4.55 -18.01
C VAL A 161 3.66 -5.43 -17.48
N TRP A 162 3.89 -6.07 -16.34
CA TRP A 162 2.87 -6.91 -15.72
C TRP A 162 1.64 -6.07 -15.38
N GLY A 163 1.87 -4.91 -14.78
CA GLY A 163 0.78 -4.01 -14.40
C GLY A 163 -0.06 -3.61 -15.59
N ALA A 164 0.58 -3.40 -16.73
CA ALA A 164 -0.11 -3.04 -17.96
C ALA A 164 -0.89 -4.25 -18.49
N THR A 165 -0.24 -5.40 -18.49
CA THR A 165 -0.88 -6.64 -18.94
C THR A 165 -2.09 -6.93 -18.07
N SER A 166 -2.04 -6.47 -16.82
CA SER A 166 -3.15 -6.64 -15.89
C SER A 166 -4.33 -5.78 -16.32
N ALA A 167 -4.06 -4.51 -16.63
CA ALA A 167 -5.10 -3.60 -17.08
C ALA A 167 -5.78 -4.14 -18.33
N MET A 168 -5.04 -4.91 -19.11
CA MET A 168 -5.57 -5.49 -20.34
C MET A 168 -6.30 -6.80 -20.03
N ALA A 169 -5.68 -7.62 -19.20
CA ALA A 169 -6.21 -8.94 -18.88
C ALA A 169 -7.63 -8.86 -18.32
N THR A 170 -8.30 -10.00 -18.27
CA THR A 170 -9.67 -10.08 -17.74
C THR A 170 -9.83 -11.35 -16.93
N GLY A 171 -10.56 -11.26 -15.82
CA GLY A 171 -10.80 -12.40 -14.96
C GLY A 171 -9.75 -12.53 -13.88
N TYR A 172 -9.46 -13.76 -13.47
CA TYR A 172 -8.46 -14.01 -12.43
C TYR A 172 -7.07 -13.75 -12.97
N VAL A 173 -6.92 -13.84 -14.29
CA VAL A 173 -5.65 -13.57 -14.95
C VAL A 173 -5.20 -12.14 -14.62
N LYS A 174 -6.16 -11.23 -14.52
CA LYS A 174 -5.86 -9.86 -14.16
C LYS A 174 -5.24 -9.80 -12.76
N VAL A 175 -5.62 -10.75 -11.91
CA VAL A 175 -5.07 -10.84 -10.57
C VAL A 175 -3.67 -11.43 -10.61
N ILE A 176 -3.51 -12.52 -11.37
CA ILE A 176 -2.23 -13.18 -11.52
C ILE A 176 -1.15 -12.18 -11.94
N PHE A 177 -1.46 -11.36 -12.93
CA PHE A 177 -0.50 -10.42 -13.47
C PHE A 177 -0.26 -9.23 -12.53
N PHE A 178 -1.28 -8.90 -11.73
CA PHE A 178 -1.11 -7.85 -10.73
C PHE A 178 -0.18 -8.34 -9.64
N CYS A 179 -0.28 -9.63 -9.32
CA CYS A 179 0.60 -10.25 -8.34
C CYS A 179 2.04 -10.19 -8.82
N LEU A 180 2.26 -10.49 -10.10
CA LEU A 180 3.57 -10.37 -10.70
C LEU A 180 4.04 -8.93 -10.58
N GLY A 181 3.10 -7.99 -10.67
CA GLY A 181 3.40 -6.58 -10.53
C GLY A 181 3.83 -6.22 -9.12
N LEU A 182 3.26 -6.93 -8.15
CA LEU A 182 3.60 -6.71 -6.75
C LEU A 182 4.99 -7.26 -6.43
N CYS A 183 5.31 -8.41 -7.03
CA CYS A 183 6.60 -9.05 -6.80
C CYS A 183 7.72 -8.23 -7.41
N TYR A 184 7.63 -7.94 -8.71
CA TYR A 184 8.60 -7.09 -9.37
C TYR A 184 8.66 -5.72 -8.71
N GLY A 185 7.49 -5.22 -8.32
CA GLY A 185 7.40 -3.92 -7.66
C GLY A 185 8.09 -3.95 -6.31
N ALA A 186 7.92 -5.04 -5.58
CA ALA A 186 8.57 -5.21 -4.28
C ALA A 186 10.08 -5.18 -4.45
N ASN A 187 10.57 -5.91 -5.43
CA ASN A 187 11.99 -5.95 -5.74
C ASN A 187 12.49 -4.54 -6.06
N THR A 188 11.64 -3.76 -6.72
CA THR A 188 11.99 -2.39 -7.10
C THR A 188 12.09 -1.51 -5.86
N PHE A 189 11.09 -1.59 -5.00
CA PHE A 189 11.08 -0.83 -3.75
C PHE A 189 12.19 -1.32 -2.83
N PHE A 190 12.55 -2.59 -2.96
CA PHE A 190 13.58 -3.19 -2.12
C PHE A 190 14.95 -2.61 -2.46
N HIS A 191 15.29 -2.62 -3.75
CA HIS A 191 16.57 -2.05 -4.19
C HIS A 191 16.56 -0.54 -4.08
N ALA A 192 15.37 0.06 -4.20
CA ALA A 192 15.22 1.50 -4.10
C ALA A 192 15.45 1.95 -2.66
N ALA A 193 15.06 1.11 -1.71
CA ALA A 193 15.24 1.41 -0.30
C ALA A 193 16.73 1.34 0.06
N LYS A 194 17.40 0.30 -0.42
CA LYS A 194 18.83 0.14 -0.20
C LYS A 194 19.60 1.29 -0.84
N ALA A 195 19.05 1.82 -1.93
CA ALA A 195 19.68 2.93 -2.64
C ALA A 195 19.57 4.22 -1.82
N TYR A 196 18.41 4.41 -1.18
CA TYR A 196 18.20 5.58 -0.34
C TYR A 196 19.06 5.51 0.93
N ILE A 197 19.21 4.30 1.45
CA ILE A 197 19.99 4.09 2.66
C ILE A 197 21.48 4.34 2.41
N GLU A 198 22.00 3.76 1.34
CA GLU A 198 23.38 4.00 0.94
C GLU A 198 23.57 5.48 0.62
N GLY A 199 22.51 6.10 0.10
CA GLY A 199 22.53 7.52 -0.23
C GLY A 199 22.46 8.38 1.01
N TYR A 200 21.95 7.80 2.09
CA TYR A 200 21.82 8.53 3.35
C TYR A 200 23.16 8.60 4.09
N HIS A 201 23.85 7.47 4.15
CA HIS A 201 25.11 7.39 4.87
C HIS A 201 26.29 7.88 4.03
N THR A 202 26.02 8.20 2.77
CA THR A 202 27.05 8.73 1.89
C THR A 202 27.11 10.26 1.98
N VAL A 203 25.95 10.89 1.86
CA VAL A 203 25.89 12.35 1.92
C VAL A 203 26.14 12.85 3.34
N PRO A 204 26.67 14.08 3.46
CA PRO A 204 27.02 14.69 4.74
C PRO A 204 25.82 14.87 5.66
N LYS A 205 26.07 14.87 6.96
CA LYS A 205 25.00 14.99 7.95
C LYS A 205 24.62 16.44 8.20
N GLY A 206 23.83 17.00 7.28
CA GLY A 206 23.33 18.37 7.43
C GLY A 206 21.96 18.49 6.80
N ARG A 207 21.80 19.47 5.91
CA ARG A 207 20.56 19.61 5.16
C ARG A 207 20.52 18.59 4.04
N CYS A 208 21.67 17.98 3.77
CA CYS A 208 21.78 16.94 2.74
C CYS A 208 20.99 15.70 3.15
N ARG A 209 21.24 15.21 4.35
CA ARG A 209 20.54 14.03 4.85
C ARG A 209 19.07 14.34 5.15
N GLN A 210 18.79 15.61 5.44
CA GLN A 210 17.41 16.05 5.64
C GLN A 210 16.64 15.93 4.33
N VAL A 211 17.28 16.27 3.23
CA VAL A 211 16.66 16.22 1.92
C VAL A 211 16.49 14.78 1.45
N VAL A 212 17.53 13.97 1.64
CA VAL A 212 17.49 12.57 1.22
C VAL A 212 16.28 11.86 1.83
N THR A 213 16.00 12.17 3.09
CA THR A 213 14.85 11.59 3.79
C THR A 213 13.55 12.10 3.16
N GLY A 214 13.52 13.38 2.85
CA GLY A 214 12.35 14.00 2.24
C GLY A 214 12.09 13.45 0.84
N MET A 215 13.16 13.08 0.15
CA MET A 215 13.05 12.49 -1.18
C MET A 215 12.51 11.07 -1.08
N ALA A 216 12.96 10.33 -0.07
CA ALA A 216 12.56 8.94 0.11
C ALA A 216 11.06 8.85 0.41
N TRP A 217 10.58 9.71 1.31
CA TRP A 217 9.17 9.70 1.70
C TRP A 217 8.29 10.14 0.54
N LEU A 218 8.71 11.18 -0.18
CA LEU A 218 7.97 11.64 -1.34
C LEU A 218 7.96 10.56 -2.41
N PHE A 219 9.04 9.79 -2.46
CA PHE A 219 9.21 8.74 -3.45
C PHE A 219 8.28 7.56 -3.19
N PHE A 220 8.42 6.96 -2.01
CA PHE A 220 7.67 5.75 -1.67
C PHE A 220 6.17 6.01 -1.60
N VAL A 221 5.77 7.14 -1.02
CA VAL A 221 4.36 7.49 -0.95
C VAL A 221 3.76 7.57 -2.35
N SER A 222 4.34 8.42 -3.19
CA SER A 222 3.86 8.60 -4.55
C SER A 222 3.89 7.28 -5.32
N TRP A 223 5.08 6.71 -5.45
CA TRP A 223 5.25 5.45 -6.19
C TRP A 223 4.30 4.37 -5.68
N GLY A 224 4.00 4.40 -4.39
CA GLY A 224 3.13 3.40 -3.78
C GLY A 224 1.67 3.65 -4.09
N MET A 225 1.34 4.89 -4.44
CA MET A 225 -0.03 5.28 -4.72
C MET A 225 -0.53 4.74 -6.05
N PHE A 226 0.40 4.45 -6.95
CA PHE A 226 0.04 4.02 -8.30
C PHE A 226 -0.73 2.70 -8.30
N PRO A 227 -0.19 1.68 -7.62
CA PRO A 227 -0.91 0.41 -7.52
C PRO A 227 -2.20 0.56 -6.73
N ILE A 228 -2.24 1.58 -5.87
CA ILE A 228 -3.44 1.88 -5.09
C ILE A 228 -4.52 2.48 -5.99
N LEU A 229 -4.14 3.45 -6.81
CA LEU A 229 -5.07 4.05 -7.75
C LEU A 229 -5.50 3.02 -8.79
N PHE A 230 -4.55 2.17 -9.20
CA PHE A 230 -4.83 1.12 -10.17
C PHE A 230 -5.99 0.25 -9.71
N ILE A 231 -6.00 -0.08 -8.41
CA ILE A 231 -7.05 -0.91 -7.84
C ILE A 231 -8.36 -0.15 -7.74
N LEU A 232 -8.28 1.15 -7.46
CA LEU A 232 -9.46 1.98 -7.31
C LEU A 232 -10.03 2.39 -8.67
N GLY A 233 -9.20 2.34 -9.70
CA GLY A 233 -9.59 2.81 -11.02
C GLY A 233 -10.21 1.74 -11.90
N PRO A 234 -10.68 2.15 -13.09
CA PRO A 234 -11.34 1.29 -14.08
C PRO A 234 -10.57 0.01 -14.40
N GLU A 235 -9.26 0.03 -14.16
CA GLU A 235 -8.43 -1.15 -14.43
C GLU A 235 -8.66 -2.20 -13.36
N GLY A 236 -9.03 -1.76 -12.16
CA GLY A 236 -9.26 -2.66 -11.04
C GLY A 236 -10.73 -2.83 -10.73
N PHE A 237 -11.16 -2.32 -9.58
CA PHE A 237 -12.55 -2.46 -9.16
C PHE A 237 -13.38 -1.25 -9.58
N GLY A 238 -12.71 -0.24 -10.12
CA GLY A 238 -13.38 0.90 -10.73
C GLY A 238 -14.19 1.77 -9.77
N VAL A 239 -13.63 2.04 -8.60
CA VAL A 239 -14.26 2.96 -7.66
C VAL A 239 -14.21 4.38 -8.22
N LEU A 240 -13.02 4.76 -8.68
CA LEU A 240 -12.84 6.06 -9.31
C LEU A 240 -13.09 5.94 -10.81
N SER A 241 -13.68 6.97 -11.40
CA SER A 241 -13.96 6.98 -12.83
C SER A 241 -12.67 7.19 -13.61
N VAL A 242 -12.77 7.23 -14.93
CA VAL A 242 -11.60 7.44 -15.78
C VAL A 242 -11.04 8.84 -15.55
N TYR A 243 -11.94 9.84 -15.50
CA TYR A 243 -11.53 11.20 -15.19
C TYR A 243 -10.99 11.28 -13.76
N GLY A 244 -11.62 10.54 -12.86
CA GLY A 244 -11.20 10.50 -11.46
C GLY A 244 -9.82 9.90 -11.30
N SER A 245 -9.54 8.86 -12.08
CA SER A 245 -8.25 8.19 -12.03
C SER A 245 -7.14 9.14 -12.51
N THR A 246 -7.45 9.93 -13.53
CA THR A 246 -6.48 10.87 -14.08
C THR A 246 -6.22 12.00 -13.09
N VAL A 247 -7.28 12.44 -12.41
CA VAL A 247 -7.16 13.48 -11.38
C VAL A 247 -6.15 13.04 -10.32
N GLY A 248 -6.26 11.79 -9.89
CA GLY A 248 -5.37 11.26 -8.87
C GLY A 248 -3.97 11.03 -9.39
N HIS A 249 -3.88 10.46 -10.60
CA HIS A 249 -2.58 10.16 -11.20
C HIS A 249 -1.76 11.42 -11.44
N THR A 250 -2.38 12.43 -12.04
CA THR A 250 -1.70 13.69 -12.31
C THR A 250 -1.10 14.28 -11.04
N ILE A 251 -1.79 14.05 -9.93
CA ILE A 251 -1.33 14.55 -8.63
C ILE A 251 -0.02 13.88 -8.22
N ILE A 252 0.00 12.55 -8.27
CA ILE A 252 1.19 11.79 -7.87
C ILE A 252 2.22 11.75 -9.00
N ASP A 253 1.83 12.22 -10.18
CA ASP A 253 2.77 12.37 -11.28
C ASP A 253 3.65 13.59 -11.05
N LEU A 254 3.06 14.62 -10.45
CA LEU A 254 3.78 15.83 -10.08
C LEU A 254 4.64 15.58 -8.86
N MET A 255 4.21 14.64 -8.03
CA MET A 255 4.93 14.29 -6.81
C MET A 255 6.17 13.45 -7.12
N SER A 256 5.99 12.43 -7.96
CA SER A 256 7.06 11.48 -8.26
C SER A 256 7.98 12.00 -9.35
N LYR A 257 7.52 12.99 -10.12
CA LYR A 257 8.29 13.51 -11.24
C LYR A 257 8.85 14.87 -10.95
O LYR A 257 10.03 15.02 -10.62
CB LYR A 257 7.41 13.58 -12.48
CG LYR A 257 7.83 12.56 -13.52
CD LYR A 257 7.30 11.17 -13.17
CE LYR A 257 6.09 10.82 -14.01
NZ LYR A 257 5.47 9.59 -13.57
C1 LYR A 257 6.22 8.57 -12.86
C2 LYR A 257 5.45 7.28 -12.79
C3 LYR A 257 5.67 6.37 -11.84
C4 LYR A 257 6.71 6.61 -10.78
C5 LYR A 257 4.86 5.14 -11.84
C6 LYR A 257 5.01 4.18 -10.92
C7 LYR A 257 4.15 3.01 -11.03
C80 LYR A 257 4.23 1.99 -10.15
C8 LYR A 257 5.21 2.01 -9.01
C9 LYR A 257 3.32 0.84 -10.34
C10 LYR A 257 3.34 -0.20 -9.52
C11 LYR A 257 2.41 -1.32 -9.74
C12 LYR A 257 2.45 -2.36 -8.90
C13 LYR A 257 3.32 -2.27 -7.69
C14 LYR A 257 1.65 -3.63 -9.12
C15 LYR A 257 1.17 -3.70 -10.57
C16 LYR A 257 0.48 -2.41 -10.93
C17 LYR A 257 1.47 -1.24 -10.93
C18 LYR A 257 2.30 -1.27 -12.20
C19 LYR A 257 0.69 0.06 -10.84
N ASN A 258 7.99 15.89 -11.05
CA ASN A 258 8.43 17.27 -10.94
C ASN A 258 9.08 17.57 -9.58
N CYS A 259 8.34 17.34 -8.51
CA CYS A 259 8.81 17.69 -7.18
C CYS A 259 10.01 16.85 -6.74
N TRP A 260 9.97 15.55 -7.04
CA TRP A 260 11.05 14.65 -6.65
C TRP A 260 12.33 15.01 -7.38
N GLY A 261 12.22 15.22 -8.70
CA GLY A 261 13.38 15.60 -9.51
C GLY A 261 13.97 16.91 -9.05
N LEU A 262 13.10 17.83 -8.63
CA LEU A 262 13.53 19.12 -8.13
C LEU A 262 14.29 18.95 -6.82
N LEU A 263 13.81 18.04 -5.98
CA LEU A 263 14.50 17.70 -4.74
C LEU A 263 15.86 17.07 -5.06
N GLY A 264 15.88 16.17 -6.03
CA GLY A 264 17.12 15.54 -6.46
C GLY A 264 18.12 16.57 -6.94
N HIS A 265 17.62 17.58 -7.66
CA HIS A 265 18.46 18.67 -8.13
C HIS A 265 19.03 19.46 -6.96
N TYR A 266 18.18 19.73 -5.98
CA TYR A 266 18.58 20.48 -4.80
C TYR A 266 19.69 19.74 -4.05
N LEU A 267 19.60 18.41 -4.04
CA LEU A 267 20.59 17.58 -3.35
C LEU A 267 21.95 17.72 -4.02
N ARG A 268 21.97 17.67 -5.34
CA ARG A 268 23.21 17.78 -6.10
C ARG A 268 23.80 19.18 -5.99
N VAL A 269 22.96 20.15 -5.65
CA VAL A 269 23.42 21.51 -5.42
C VAL A 269 24.05 21.62 -4.03
N LEU A 270 23.39 21.00 -3.06
CA LEU A 270 23.90 20.98 -1.69
C LEU A 270 25.20 20.19 -1.62
N ILE A 271 25.28 19.12 -2.39
CA ILE A 271 26.50 18.31 -2.47
C ILE A 271 27.61 19.12 -3.11
N HIS A 272 27.25 19.98 -4.06
CA HIS A 272 28.21 20.84 -4.73
C HIS A 272 28.64 21.98 -3.81
N GLU A 273 27.79 22.31 -2.85
CA GLU A 273 28.09 23.37 -1.90
C GLU A 273 28.99 22.85 -0.78
N HIS A 274 28.92 21.54 -0.53
CA HIS A 274 29.71 20.92 0.53
C HIS A 274 31.14 20.67 0.07
N ILE A 275 31.31 20.34 -1.20
CA ILE A 275 32.64 20.06 -1.75
C ILE A 275 33.37 21.35 -2.11
N LEU A 276 32.67 22.48 -1.95
CA LEU A 276 33.28 23.78 -2.15
C LEU A 276 33.85 24.29 -0.83
N ILE A 277 33.36 23.72 0.27
CA ILE A 277 33.77 24.15 1.61
C ILE A 277 34.83 23.22 2.19
N HIS A 278 34.54 21.92 2.19
CA HIS A 278 35.43 20.94 2.81
C HIS A 278 36.15 20.10 1.76
N GLY A 279 35.94 20.43 0.49
CA GLY A 279 36.53 19.67 -0.61
C GLY A 279 36.00 18.25 -0.62
N ASP A 280 36.63 17.40 -1.42
CA ASP A 280 36.23 16.00 -1.54
C ASP A 280 36.37 15.28 -0.20
N ILE A 281 35.26 14.72 0.29
CA ILE A 281 35.26 14.00 1.55
C ILE A 281 33.88 13.39 1.82
N SER B 26 35.44 -9.25 20.97
CA SER B 26 35.14 -10.65 21.39
C SER B 26 34.72 -10.69 22.85
N VAL B 27 33.42 -10.88 23.08
CA VAL B 27 32.88 -10.93 24.43
C VAL B 27 33.02 -12.35 25.01
N LEU B 28 32.95 -12.44 26.33
CA LEU B 28 33.08 -13.72 27.02
C LEU B 28 31.77 -14.13 27.70
N VAL B 29 30.94 -14.90 27.00
CA VAL B 29 29.70 -15.40 27.56
C VAL B 29 29.99 -16.65 28.40
N PRO B 30 29.35 -16.75 29.58
CA PRO B 30 29.64 -17.83 30.51
C PRO B 30 28.73 -19.04 30.37
N GLU B 31 29.31 -20.15 29.90
CA GLU B 31 28.63 -21.45 29.89
C GLU B 31 27.22 -21.40 29.33
N ASP B 32 26.25 -21.86 30.14
CA ASP B 32 24.88 -22.08 29.69
C ASP B 32 24.27 -20.86 28.99
N GLN B 33 24.46 -19.68 29.55
CA GLN B 33 23.84 -18.47 29.01
C GLN B 33 24.22 -18.25 27.55
N CYS B 34 23.26 -17.74 26.77
CA CYS B 34 23.49 -17.45 25.36
C CYS B 34 23.82 -15.98 25.17
N TYR B 35 24.24 -15.63 23.96
CA TYR B 35 24.58 -14.24 23.66
C TYR B 35 24.21 -13.82 22.24
N CYS B 36 23.90 -12.54 22.07
CA CYS B 36 23.62 -11.97 20.76
C CYS B 36 23.41 -10.46 20.89
N ALA B 37 24.12 -9.70 20.04
CA ALA B 37 24.06 -8.26 20.10
C ALA B 37 22.68 -7.73 19.76
N GLY B 38 21.98 -8.44 18.88
CA GLY B 38 20.66 -8.03 18.43
C GLY B 38 19.63 -8.00 19.55
N TRP B 39 19.72 -8.99 20.45
CA TRP B 39 18.77 -9.09 21.55
C TRP B 39 18.93 -7.94 22.53
N ILE B 40 20.07 -7.27 22.49
CA ILE B 40 20.35 -6.17 23.39
C ILE B 40 19.94 -4.84 22.76
N GLU B 41 19.69 -4.86 21.45
CA GLU B 41 19.34 -3.66 20.72
C GLU B 41 18.21 -2.90 21.41
N SER B 42 18.26 -1.58 21.36
CA SER B 42 17.25 -0.74 21.98
C SER B 42 15.85 -1.15 21.50
N ARG B 43 14.86 -0.91 22.34
CA ARG B 43 13.48 -1.24 22.00
C ARG B 43 12.75 -0.02 21.45
N GLY B 44 13.30 1.16 21.69
CA GLY B 44 12.70 2.41 21.23
C GLY B 44 12.87 3.53 22.23
N THR B 45 12.57 4.76 21.79
CA THR B 45 12.72 5.94 22.64
C THR B 45 11.75 5.88 23.81
N ASN B 46 12.06 6.67 24.84
CA ASN B 46 11.22 6.72 26.04
C ASN B 46 9.85 7.29 25.70
N GLY B 47 9.81 8.18 24.73
CA GLY B 47 8.55 8.78 24.29
C GLY B 47 7.63 7.75 23.66
N ALA B 48 8.21 6.84 22.90
CA ALA B 48 7.45 5.77 22.25
C ALA B 48 6.89 4.81 23.29
N GLN B 49 7.73 4.43 24.25
CA GLN B 49 7.33 3.53 25.31
C GLN B 49 6.11 4.10 26.04
N THR B 50 6.14 5.39 26.33
CA THR B 50 5.03 6.06 26.99
C THR B 50 3.79 6.00 26.11
N ALA B 51 3.94 6.34 24.84
CA ALA B 51 2.83 6.31 23.90
C ALA B 51 2.28 4.89 23.76
N SER B 52 3.16 3.91 23.85
CA SER B 52 2.76 2.51 23.71
C SER B 52 1.94 2.05 24.90
N ASN B 53 2.51 2.19 26.09
CA ASN B 53 1.85 1.75 27.32
C ASN B 53 0.48 2.41 27.47
N VAL B 54 0.41 3.71 27.20
CA VAL B 54 -0.86 4.43 27.27
C VAL B 54 -1.87 3.83 26.31
N LEU B 55 -1.44 3.60 25.07
CA LEU B 55 -2.31 2.99 24.06
C LEU B 55 -2.69 1.57 24.45
N GLN B 56 -1.77 0.85 25.08
CA GLN B 56 -2.02 -0.51 25.52
C GLN B 56 -3.17 -0.55 26.51
N TRP B 57 -3.23 0.45 27.40
CA TRP B 57 -4.29 0.54 28.38
C TRP B 57 -5.60 1.02 27.74
N LEU B 58 -5.48 2.04 26.89
CA LEU B 58 -6.63 2.56 26.16
C LEU B 58 -7.31 1.43 25.38
N ALA B 59 -6.49 0.56 24.80
CA ALA B 59 -7.00 -0.58 24.03
C ALA B 59 -7.70 -1.56 24.95
N ALA B 60 -7.09 -1.84 26.10
CA ALA B 60 -7.65 -2.77 27.08
C ALA B 60 -8.98 -2.24 27.60
N GLY B 61 -9.06 -0.93 27.82
CA GLY B 61 -10.28 -0.31 28.33
C GLY B 61 -11.39 -0.28 27.30
N PHE B 62 -11.02 -0.07 26.04
CA PHE B 62 -12.00 -0.01 24.96
C PHE B 62 -12.56 -1.39 24.66
N SER B 63 -11.76 -2.42 24.91
CA SER B 63 -12.17 -3.79 24.68
C SER B 63 -13.07 -4.30 25.80
N ILE B 64 -12.84 -3.78 27.01
CA ILE B 64 -13.69 -4.13 28.15
C ILE B 64 -15.06 -3.48 28.01
N LEU B 65 -15.07 -2.21 27.60
CA LEU B 65 -16.30 -1.49 27.37
C LEU B 65 -17.07 -2.13 26.22
N LEU B 66 -16.34 -2.60 25.22
CA LEU B 66 -16.95 -3.31 24.09
C LEU B 66 -17.50 -4.66 24.51
N LEU B 67 -16.69 -5.42 25.26
CA LEU B 67 -17.13 -6.72 25.76
C LEU B 67 -18.35 -6.59 26.65
N MET B 68 -18.40 -5.52 27.45
CA MET B 68 -19.56 -5.26 28.29
C MET B 68 -20.75 -4.86 27.42
N PHE B 69 -20.48 -4.11 26.36
CA PHE B 69 -21.53 -3.66 25.45
C PHE B 69 -22.15 -4.85 24.73
N TYR B 70 -21.31 -5.77 24.26
CA TYR B 70 -21.80 -6.95 23.54
C TYR B 70 -22.49 -7.91 24.50
N ALA B 71 -22.11 -7.87 25.78
CA ALA B 71 -22.70 -8.73 26.78
C ALA B 71 -24.13 -8.29 27.10
N TYR B 72 -24.37 -6.98 26.97
CA TYR B 72 -25.68 -6.41 27.26
C TYR B 72 -26.65 -6.62 26.11
N GLN B 73 -26.11 -6.89 24.93
CA GLN B 73 -26.93 -7.10 23.74
C GLN B 73 -27.43 -8.54 23.68
N THR B 74 -26.61 -9.46 24.18
CA THR B 74 -26.95 -10.88 24.15
C THR B 74 -27.78 -11.25 25.38
N TRP B 81 -21.01 -14.39 18.04
CA TRP B 81 -19.75 -14.67 18.72
C TRP B 81 -18.57 -14.09 17.94
N GLU B 82 -18.85 -13.58 16.74
CA GLU B 82 -17.82 -13.03 15.88
C GLU B 82 -17.29 -11.71 16.43
N GLU B 83 -18.16 -10.95 17.08
CA GLU B 83 -17.76 -9.66 17.67
C GLU B 83 -17.23 -9.86 19.09
N ILE B 84 -17.66 -10.93 19.73
CA ILE B 84 -17.33 -11.19 21.13
C ILE B 84 -15.98 -11.89 21.28
N TYR B 85 -15.80 -12.95 20.51
CA TYR B 85 -14.57 -13.75 20.57
C TYR B 85 -13.35 -12.92 20.13
N VAL B 86 -13.51 -12.19 19.05
CA VAL B 86 -12.43 -11.36 18.53
C VAL B 86 -12.08 -10.24 19.50
N CYS B 87 -13.09 -9.65 20.12
CA CYS B 87 -12.89 -8.56 21.06
C CYS B 87 -12.30 -9.08 22.37
N ALA B 88 -12.55 -10.36 22.66
CA ALA B 88 -12.02 -10.98 23.86
C ALA B 88 -10.55 -11.33 23.68
N ILE B 89 -10.21 -11.86 22.50
CA ILE B 89 -8.84 -12.22 22.18
C ILE B 89 -7.96 -10.96 22.15
N GLU B 90 -8.53 -9.85 21.72
CA GLU B 90 -7.81 -8.60 21.64
C GLU B 90 -7.50 -8.05 23.03
N MET B 91 -8.46 -8.18 23.93
CA MET B 91 -8.29 -7.70 25.31
C MET B 91 -7.20 -8.51 26.01
N VAL B 92 -7.15 -9.81 25.73
CA VAL B 92 -6.14 -10.67 26.34
C VAL B 92 -4.75 -10.31 25.83
N LYS B 93 -4.66 -10.03 24.53
CA LYS B 93 -3.38 -9.69 23.91
C LYS B 93 -2.74 -8.47 24.59
N VAL B 94 -3.47 -7.37 24.60
CA VAL B 94 -2.97 -6.12 25.17
C VAL B 94 -2.48 -6.33 26.60
N ILE B 95 -3.12 -7.24 27.32
CA ILE B 95 -2.70 -7.58 28.67
C ILE B 95 -1.34 -8.28 28.63
N LEU B 96 -1.24 -9.27 27.76
CA LEU B 96 0.00 -10.05 27.63
C LEU B 96 1.12 -9.21 27.03
N GLU B 97 0.75 -8.26 26.17
CA GLU B 97 1.72 -7.41 25.50
C GLU B 97 2.23 -6.32 26.43
N PHE B 98 1.47 -6.05 27.49
CA PHE B 98 1.86 -5.06 28.48
C PHE B 98 2.72 -5.69 29.58
N PHE B 99 2.63 -7.01 29.70
CA PHE B 99 3.35 -7.73 30.73
C PHE B 99 4.46 -8.61 30.17
N PHE B 100 4.31 -9.05 28.92
CA PHE B 100 5.22 -10.03 28.36
C PHE B 100 5.56 -9.77 26.89
N GLU B 101 5.44 -8.52 26.46
CA GLU B 101 5.69 -8.19 25.05
C GLU B 101 7.07 -8.67 24.60
N PHE B 102 8.07 -8.47 25.45
CA PHE B 102 9.45 -8.79 25.09
C PHE B 102 9.93 -10.08 25.74
N LYS B 103 8.99 -10.86 26.28
CA LYS B 103 9.33 -12.13 26.92
C LYS B 103 8.87 -13.30 26.07
N ASN B 104 9.76 -14.27 25.87
CA ASN B 104 9.43 -15.48 25.14
C ASN B 104 8.23 -16.16 25.81
N PRO B 105 7.32 -16.70 25.00
CA PRO B 105 7.46 -16.70 23.55
C PRO B 105 6.74 -15.52 22.87
N SER B 106 6.25 -14.58 23.66
CA SER B 106 5.62 -13.38 23.11
C SER B 106 6.55 -12.75 22.09
N MET B 107 7.85 -12.75 22.41
CA MET B 107 8.86 -12.28 21.47
C MET B 107 9.94 -13.34 21.33
N LEU B 108 10.28 -13.69 20.09
CA LEU B 108 11.29 -14.71 19.84
C LEU B 108 12.65 -14.08 19.59
N TYR B 109 13.67 -14.60 20.28
CA TYR B 109 15.04 -14.14 20.09
C TYR B 109 15.82 -15.20 19.30
N LEU B 110 16.05 -14.92 18.03
CA LEU B 110 16.65 -15.89 17.13
C LEU B 110 18.17 -15.81 17.12
N ALA B 111 18.82 -16.84 16.61
CA ALA B 111 20.27 -16.88 16.48
C ALA B 111 20.72 -15.87 15.43
N THR B 112 19.77 -15.39 14.64
CA THR B 112 20.07 -14.40 13.61
C THR B 112 20.30 -13.04 14.25
N GLY B 113 19.87 -12.90 15.50
CA GLY B 113 20.04 -11.65 16.22
C GLY B 113 18.81 -10.76 16.10
N HIS B 114 17.87 -11.18 15.26
CA HIS B 114 16.64 -10.44 15.07
C HIS B 114 15.57 -10.90 16.05
N ARG B 115 14.70 -9.98 16.44
CA ARG B 115 13.63 -10.29 17.38
C ARG B 115 12.28 -10.31 16.67
N VAL B 116 11.61 -11.47 16.70
CA VAL B 116 10.35 -11.64 16.00
C VAL B 116 9.17 -11.61 16.96
N GLN B 117 8.24 -10.68 16.72
CA GLN B 117 7.05 -10.56 17.56
C GLN B 117 6.02 -11.64 17.19
N TRP B 118 6.16 -12.80 17.82
CA TRP B 118 5.26 -13.92 17.55
C TRP B 118 3.85 -13.64 18.05
N LEU B 119 3.77 -13.00 19.22
CA LEU B 119 2.48 -12.65 19.80
C LEU B 119 1.58 -11.99 18.76
N ARG B 120 2.18 -11.12 17.96
CA ARG B 120 1.44 -10.38 16.94
C ARG B 120 0.92 -11.31 15.85
N TYR B 121 1.77 -12.24 15.41
CA TYR B 121 1.42 -13.13 14.31
C TYR B 121 0.50 -14.25 14.76
N ALA B 122 0.61 -14.63 16.03
CA ALA B 122 -0.25 -15.65 16.60
C ALA B 122 -1.68 -15.12 16.69
N GLU B 123 -1.82 -13.91 17.22
CA GLU B 123 -3.12 -13.28 17.37
C GLU B 123 -3.80 -13.10 16.02
N TRP B 124 -3.00 -12.75 15.00
CA TRP B 124 -3.51 -12.59 13.66
C TRP B 124 -4.23 -13.86 13.20
N LEU B 125 -3.62 -15.01 13.46
CA LEU B 125 -4.16 -16.29 13.05
C LEU B 125 -5.45 -16.63 13.79
N LEU B 126 -5.68 -15.97 14.92
CA LEU B 126 -6.82 -16.28 15.77
C LEU B 126 -8.04 -15.41 15.47
N THR B 127 -7.80 -14.22 14.94
CA THR B 127 -8.87 -13.23 14.77
C THR B 127 -9.26 -12.98 13.31
N THR B 128 -8.25 -12.92 12.43
CA THR B 128 -8.50 -12.59 11.04
C THR B 128 -9.51 -13.55 10.40
N PRO B 129 -9.37 -14.86 10.68
CA PRO B 129 -10.32 -15.82 10.14
C PRO B 129 -11.75 -15.50 10.56
N VAL B 130 -11.93 -15.15 11.83
CA VAL B 130 -13.24 -14.82 12.36
C VAL B 130 -13.77 -13.53 11.76
N ILE B 131 -12.87 -12.60 11.48
CA ILE B 131 -13.23 -11.31 10.89
C ILE B 131 -13.63 -11.47 9.43
N LEU B 132 -13.02 -12.46 8.75
CA LEU B 132 -13.33 -12.72 7.36
C LEU B 132 -14.56 -13.62 7.24
N ILE B 133 -14.85 -14.36 8.31
CA ILE B 133 -16.07 -15.15 8.39
C ILE B 133 -17.25 -14.21 8.56
N HIS B 134 -17.05 -13.16 9.35
CA HIS B 134 -18.05 -12.12 9.54
C HIS B 134 -18.30 -11.41 8.21
N LEU B 135 -17.23 -11.23 7.44
CA LEU B 135 -17.32 -10.52 6.17
C LEU B 135 -18.16 -11.28 5.15
N SER B 136 -18.05 -12.61 5.18
CA SER B 136 -18.78 -13.45 4.24
C SER B 136 -20.26 -13.56 4.62
N ASN B 137 -20.65 -12.82 5.65
CA ASN B 137 -22.03 -12.85 6.13
C ASN B 137 -22.36 -11.54 6.84
N LEU B 138 -22.14 -10.43 6.14
CA LEU B 138 -22.33 -9.10 6.71
C LEU B 138 -23.69 -8.94 7.38
N THR B 139 -24.75 -9.36 6.68
CA THR B 139 -26.11 -9.20 7.18
C THR B 139 -26.40 -10.17 8.33
N GLY B 140 -25.68 -11.29 8.34
CA GLY B 140 -25.86 -12.30 9.38
C GLY B 140 -27.16 -13.07 9.22
N LEU B 141 -27.76 -12.96 8.04
CA LEU B 141 -29.02 -13.63 7.76
C LEU B 141 -28.78 -15.07 7.31
N SER B 142 -27.83 -15.25 6.40
CA SER B 142 -27.48 -16.57 5.91
C SER B 142 -26.74 -17.37 6.98
N ASN B 143 -27.02 -18.66 7.05
CA ASN B 143 -26.34 -19.55 7.99
C ASN B 143 -25.31 -20.40 7.23
N ASP B 144 -25.38 -20.35 5.91
CA ASP B 144 -24.45 -21.09 5.07
C ASP B 144 -23.37 -20.16 4.52
N TYR B 145 -22.23 -20.74 4.16
CA TYR B 145 -21.12 -19.96 3.63
C TYR B 145 -20.69 -20.49 2.25
N SER B 146 -20.35 -19.58 1.35
CA SER B 146 -20.05 -19.94 -0.03
C SER B 146 -18.62 -20.45 -0.19
N ARG B 147 -18.23 -20.69 -1.43
CA ARG B 147 -16.88 -21.17 -1.75
C ARG B 147 -15.86 -20.05 -1.62
N ARG B 148 -16.30 -18.83 -1.89
CA ARG B 148 -15.42 -17.67 -1.77
C ARG B 148 -14.86 -17.56 -0.36
N THR B 149 -15.68 -17.90 0.63
CA THR B 149 -15.27 -17.81 2.02
C THR B 149 -14.06 -18.68 2.30
N MET B 150 -14.08 -19.91 1.79
CA MET B 150 -12.95 -20.82 1.97
C MET B 150 -11.68 -20.21 1.38
N GLY B 151 -11.79 -19.72 0.15
CA GLY B 151 -10.66 -19.08 -0.52
C GLY B 151 -10.17 -17.88 0.25
N LEU B 152 -11.11 -17.09 0.78
CA LEU B 152 -10.77 -15.90 1.55
C LEU B 152 -10.02 -16.27 2.82
N LEU B 153 -10.44 -17.36 3.46
CA LEU B 153 -9.80 -17.82 4.68
C LEU B 153 -8.40 -18.37 4.38
N VAL B 154 -8.32 -19.31 3.46
CA VAL B 154 -7.05 -19.92 3.09
C VAL B 154 -6.04 -18.86 2.66
N SER B 155 -6.50 -17.87 1.89
CA SER B 155 -5.63 -16.79 1.44
C SER B 155 -5.14 -15.97 2.63
N ASP B 156 -6.00 -15.80 3.63
CA ASP B 156 -5.65 -15.05 4.82
C ASP B 156 -4.58 -15.78 5.62
N ILE B 157 -4.85 -17.02 5.98
CA ILE B 157 -3.91 -17.82 6.76
C ILE B 157 -2.54 -17.86 6.09
N GLY B 158 -2.55 -18.09 4.78
CA GLY B 158 -1.30 -18.15 4.01
C GLY B 158 -0.55 -16.83 4.07
N THR B 159 -1.27 -15.73 3.95
CA THR B 159 -0.66 -14.41 3.99
C THR B 159 0.13 -14.22 5.28
N ILE B 160 -0.51 -14.49 6.41
CA ILE B 160 0.12 -14.33 7.72
C ILE B 160 1.30 -15.28 7.87
N VAL B 161 1.11 -16.53 7.47
CA VAL B 161 2.15 -17.54 7.58
C VAL B 161 3.43 -17.09 6.88
N TRP B 162 3.32 -16.73 5.60
CA TRP B 162 4.47 -16.26 4.84
C TRP B 162 5.03 -15.00 5.50
N GLY B 163 4.15 -14.03 5.77
CA GLY B 163 4.55 -12.77 6.38
C GLY B 163 5.37 -12.98 7.64
N ALA B 164 4.91 -13.89 8.49
CA ALA B 164 5.64 -14.22 9.71
C ALA B 164 6.97 -14.85 9.37
N THR B 165 6.93 -15.87 8.51
CA THR B 165 8.13 -16.55 8.07
C THR B 165 9.17 -15.54 7.59
N SER B 166 8.69 -14.48 6.95
CA SER B 166 9.57 -13.42 6.46
C SER B 166 10.28 -12.74 7.61
N ALA B 167 9.50 -12.24 8.58
CA ALA B 167 10.06 -11.58 9.75
C ALA B 167 11.09 -12.47 10.43
N MET B 168 10.87 -13.79 10.34
CA MET B 168 11.79 -14.76 10.91
C MET B 168 12.99 -14.96 10.00
N ALA B 169 12.75 -14.91 8.69
CA ALA B 169 13.80 -15.12 7.71
C ALA B 169 14.67 -13.86 7.57
N THR B 170 15.82 -14.03 6.92
CA THR B 170 16.74 -12.92 6.70
C THR B 170 17.41 -13.05 5.34
N GLY B 171 17.71 -11.91 4.72
CA GLY B 171 18.32 -11.90 3.39
C GLY B 171 17.27 -11.65 2.31
N TYR B 172 17.48 -12.26 1.15
CA TYR B 172 16.51 -12.13 0.06
C TYR B 172 15.38 -13.12 0.28
N VAL B 173 15.65 -14.18 1.04
CA VAL B 173 14.63 -15.13 1.44
C VAL B 173 13.53 -14.39 2.19
N LYS B 174 13.93 -13.36 2.95
CA LYS B 174 13.00 -12.52 3.66
C LYS B 174 12.12 -11.75 2.68
N VAL B 175 12.71 -11.37 1.56
CA VAL B 175 11.99 -10.65 0.52
C VAL B 175 11.07 -11.58 -0.23
N ILE B 176 11.58 -12.76 -0.59
CA ILE B 176 10.80 -13.75 -1.30
C ILE B 176 9.51 -14.09 -0.55
N PHE B 177 9.63 -14.33 0.75
CA PHE B 177 8.49 -14.71 1.57
C PHE B 177 7.53 -13.54 1.79
N PHE B 178 8.04 -12.32 1.63
CA PHE B 178 7.19 -11.15 1.70
C PHE B 178 6.41 -11.01 0.39
N CYS B 179 7.03 -11.48 -0.70
CA CYS B 179 6.36 -11.51 -2.00
C CYS B 179 5.18 -12.46 -1.95
N LEU B 180 5.43 -13.67 -1.46
CA LEU B 180 4.37 -14.65 -1.29
C LEU B 180 3.24 -14.06 -0.44
N GLY B 181 3.62 -13.24 0.54
CA GLY B 181 2.65 -12.59 1.41
C GLY B 181 1.75 -11.65 0.65
N LEU B 182 2.34 -10.88 -0.26
CA LEU B 182 1.58 -9.92 -1.06
C LEU B 182 0.64 -10.65 -2.02
N CYS B 183 1.11 -11.74 -2.60
CA CYS B 183 0.30 -12.53 -3.53
C CYS B 183 -0.92 -13.10 -2.81
N TYR B 184 -0.69 -13.81 -1.71
CA TYR B 184 -1.78 -14.33 -0.89
C TYR B 184 -2.63 -13.18 -0.37
N GLY B 185 -1.98 -12.14 0.13
CA GLY B 185 -2.68 -10.97 0.65
C GLY B 185 -3.54 -10.32 -0.42
N ALA B 186 -3.00 -10.25 -1.64
CA ALA B 186 -3.75 -9.68 -2.76
C ALA B 186 -4.98 -10.52 -3.03
N ASN B 187 -4.82 -11.83 -3.06
CA ASN B 187 -5.92 -12.75 -3.27
C ASN B 187 -6.97 -12.57 -2.19
N THR B 188 -6.52 -12.21 -0.99
CA THR B 188 -7.42 -11.99 0.14
C THR B 188 -8.22 -10.70 -0.06
N PHE B 189 -7.51 -9.61 -0.30
CA PHE B 189 -8.15 -8.33 -0.58
C PHE B 189 -9.07 -8.46 -1.78
N PHE B 190 -8.71 -9.33 -2.71
CA PHE B 190 -9.49 -9.55 -3.92
C PHE B 190 -10.86 -10.15 -3.59
N HIS B 191 -10.85 -11.28 -2.89
CA HIS B 191 -12.10 -11.93 -2.50
C HIS B 191 -12.88 -11.03 -1.53
N ALA B 192 -12.15 -10.28 -0.71
CA ALA B 192 -12.78 -9.37 0.24
C ALA B 192 -13.52 -8.26 -0.49
N ALA B 193 -12.95 -7.84 -1.62
CA ALA B 193 -13.57 -6.81 -2.45
C ALA B 193 -14.87 -7.35 -3.04
N LYS B 194 -14.80 -8.54 -3.62
CA LYS B 194 -15.97 -9.20 -4.18
C LYS B 194 -17.03 -9.43 -3.11
N ALA B 195 -16.58 -9.52 -1.86
CA ALA B 195 -17.49 -9.75 -0.74
C ALA B 195 -18.23 -8.46 -0.37
N TYR B 196 -17.49 -7.37 -0.20
CA TYR B 196 -18.08 -6.08 0.14
C TYR B 196 -19.05 -5.63 -0.93
N ILE B 197 -18.73 -5.93 -2.18
CA ILE B 197 -19.58 -5.54 -3.32
C ILE B 197 -20.87 -6.35 -3.33
N GLU B 198 -20.75 -7.66 -3.15
CA GLU B 198 -21.92 -8.52 -3.08
C GLU B 198 -22.78 -8.16 -1.88
N GLY B 199 -22.14 -7.59 -0.87
CA GLY B 199 -22.84 -7.14 0.33
C GLY B 199 -23.45 -5.77 0.16
N TYR B 200 -22.83 -4.96 -0.69
CA TYR B 200 -23.31 -3.62 -0.96
C TYR B 200 -24.64 -3.66 -1.73
N HIS B 201 -24.75 -4.62 -2.64
CA HIS B 201 -25.94 -4.76 -3.46
C HIS B 201 -27.01 -5.59 -2.76
N THR B 202 -26.59 -6.44 -1.82
CA THR B 202 -27.51 -7.25 -1.06
C THR B 202 -28.31 -6.40 -0.08
N VAL B 203 -27.62 -5.51 0.62
CA VAL B 203 -28.27 -4.63 1.59
C VAL B 203 -29.01 -3.51 0.86
N PRO B 204 -30.10 -3.03 1.47
CA PRO B 204 -30.94 -1.99 0.88
C PRO B 204 -30.29 -0.61 0.92
N LYS B 205 -30.66 0.24 -0.02
CA LYS B 205 -30.12 1.60 -0.10
C LYS B 205 -30.44 2.39 1.16
N GLY B 206 -29.57 3.34 1.50
CA GLY B 206 -29.77 4.17 2.68
C GLY B 206 -28.60 4.08 3.64
N ARG B 207 -28.92 3.95 4.92
CA ARG B 207 -27.89 3.84 5.95
C ARG B 207 -27.17 2.51 5.86
N CYS B 208 -27.88 1.47 5.44
CA CYS B 208 -27.30 0.14 5.31
C CYS B 208 -26.13 0.13 4.33
N ARG B 209 -26.34 0.69 3.15
CA ARG B 209 -25.30 0.73 2.13
C ARG B 209 -24.19 1.71 2.52
N GLN B 210 -24.56 2.77 3.24
CA GLN B 210 -23.58 3.75 3.71
C GLN B 210 -22.61 3.10 4.68
N VAL B 211 -23.12 2.22 5.53
CA VAL B 211 -22.31 1.52 6.51
C VAL B 211 -21.34 0.56 5.82
N VAL B 212 -21.84 -0.21 4.86
CA VAL B 212 -21.03 -1.17 4.14
C VAL B 212 -19.86 -0.48 3.45
N THR B 213 -20.10 0.75 2.99
CA THR B 213 -19.06 1.53 2.32
C THR B 213 -18.00 1.96 3.34
N GLY B 214 -18.46 2.36 4.52
CA GLY B 214 -17.56 2.77 5.60
C GLY B 214 -16.76 1.60 6.13
N MET B 215 -17.41 0.45 6.27
CA MET B 215 -16.74 -0.76 6.74
C MET B 215 -15.62 -1.14 5.78
N ALA B 216 -15.88 -1.04 4.48
CA ALA B 216 -14.90 -1.39 3.47
C ALA B 216 -13.67 -0.50 3.57
N TRP B 217 -13.89 0.80 3.71
CA TRP B 217 -12.80 1.76 3.80
C TRP B 217 -11.98 1.56 5.07
N LEU B 218 -12.66 1.34 6.19
CA LEU B 218 -11.98 1.10 7.45
C LEU B 218 -11.24 -0.23 7.37
N PHE B 219 -11.72 -1.11 6.50
CA PHE B 219 -11.15 -2.44 6.33
C PHE B 219 -9.82 -2.38 5.58
N PHE B 220 -9.88 -1.88 4.35
CA PHE B 220 -8.70 -1.88 3.47
C PHE B 220 -7.61 -0.93 3.97
N VAL B 221 -8.01 0.23 4.49
CA VAL B 221 -7.06 1.19 5.02
C VAL B 221 -6.25 0.56 6.15
N SER B 222 -6.96 0.08 7.17
CA SER B 222 -6.32 -0.55 8.32
C SER B 222 -5.56 -1.81 7.91
N TRP B 223 -6.25 -2.72 7.24
CA TRP B 223 -5.64 -3.97 6.80
C TRP B 223 -4.44 -3.73 5.90
N GLY B 224 -4.50 -2.68 5.08
CA GLY B 224 -3.43 -2.36 4.16
C GLY B 224 -2.21 -1.79 4.86
N MET B 225 -2.41 -1.30 6.08
CA MET B 225 -1.34 -0.69 6.86
C MET B 225 -0.40 -1.75 7.44
N PHE B 226 -0.91 -2.97 7.60
CA PHE B 226 -0.14 -4.03 8.24
C PHE B 226 1.13 -4.36 7.46
N PRO B 227 1.02 -4.54 6.13
CA PRO B 227 2.21 -4.79 5.32
C PRO B 227 3.10 -3.56 5.24
N ILE B 228 2.50 -2.39 5.39
CA ILE B 228 3.25 -1.13 5.37
C ILE B 228 4.09 -0.98 6.64
N LEU B 229 3.49 -1.34 7.78
CA LEU B 229 4.19 -1.27 9.06
C LEU B 229 5.25 -2.36 9.15
N PHE B 230 4.99 -3.48 8.49
CA PHE B 230 5.93 -4.59 8.47
C PHE B 230 7.25 -4.17 7.84
N ILE B 231 7.16 -3.31 6.82
CA ILE B 231 8.34 -2.81 6.13
C ILE B 231 9.00 -1.71 6.94
N LEU B 232 8.19 -0.85 7.54
CA LEU B 232 8.69 0.26 8.34
C LEU B 232 9.26 -0.21 9.68
N GLY B 233 8.83 -1.40 10.10
CA GLY B 233 9.21 -1.92 11.41
C GLY B 233 10.48 -2.74 11.40
N PRO B 234 10.97 -3.11 12.60
CA PRO B 234 12.18 -3.91 12.79
C PRO B 234 12.21 -5.16 11.92
N GLU B 235 11.03 -5.68 11.59
CA GLU B 235 10.94 -6.88 10.76
C GLU B 235 11.40 -6.59 9.34
N GLY B 236 11.42 -5.31 8.98
CA GLY B 236 11.81 -4.90 7.64
C GLY B 236 13.05 -4.01 7.63
N PHE B 237 12.84 -2.72 7.35
CA PHE B 237 13.95 -1.78 7.25
C PHE B 237 14.22 -1.09 8.59
N GLY B 238 13.32 -1.27 9.54
CA GLY B 238 13.53 -0.79 10.91
C GLY B 238 13.42 0.71 11.07
N VAL B 239 12.61 1.35 10.23
CA VAL B 239 12.38 2.78 10.36
C VAL B 239 11.75 3.06 11.72
N LEU B 240 10.80 2.20 12.11
CA LEU B 240 10.17 2.29 13.42
C LEU B 240 10.91 1.41 14.42
N SER B 241 10.88 1.80 15.69
CA SER B 241 11.42 0.97 16.75
C SER B 241 10.37 -0.07 17.13
N VAL B 242 10.75 -1.02 17.98
CA VAL B 242 9.83 -2.07 18.39
C VAL B 242 8.62 -1.46 19.10
N TYR B 243 8.87 -0.42 19.89
CA TYR B 243 7.78 0.32 20.55
C TYR B 243 7.03 1.14 19.52
N GLY B 244 7.77 1.74 18.58
CA GLY B 244 7.16 2.52 17.52
C GLY B 244 6.23 1.67 16.68
N SER B 245 6.67 0.47 16.36
CA SER B 245 5.87 -0.47 15.58
C SER B 245 4.64 -0.87 16.37
N THR B 246 4.79 -1.00 17.69
CA THR B 246 3.68 -1.33 18.57
C THR B 246 2.65 -0.21 18.57
N VAL B 247 3.13 1.01 18.70
CA VAL B 247 2.25 2.18 18.69
C VAL B 247 1.42 2.22 17.41
N GLY B 248 2.06 1.88 16.30
CA GLY B 248 1.39 1.87 15.00
C GLY B 248 0.37 0.75 14.88
N HIS B 249 0.81 -0.46 15.23
CA HIS B 249 -0.04 -1.64 15.12
C HIS B 249 -1.27 -1.56 16.02
N THR B 250 -1.08 -1.05 17.24
CA THR B 250 -2.17 -0.94 18.19
C THR B 250 -3.29 -0.06 17.64
N ILE B 251 -2.91 1.01 16.95
CA ILE B 251 -3.87 1.94 16.38
C ILE B 251 -4.73 1.28 15.31
N ILE B 252 -4.09 0.55 14.41
CA ILE B 252 -4.80 -0.12 13.33
C ILE B 252 -5.43 -1.43 13.82
N ASP B 253 -5.00 -1.90 14.97
CA ASP B 253 -5.61 -3.06 15.61
C ASP B 253 -7.00 -2.70 16.10
N LEU B 254 -7.12 -1.51 16.68
CA LEU B 254 -8.40 -1.02 17.17
C LEU B 254 -9.33 -0.68 16.01
N MET B 255 -8.74 -0.41 14.85
CA MET B 255 -9.50 -0.06 13.66
C MET B 255 -10.07 -1.30 12.99
N SER B 256 -9.22 -2.30 12.77
CA SER B 256 -9.62 -3.50 12.06
C SER B 256 -10.36 -4.48 12.95
N LYR B 257 -10.32 -4.26 14.26
CA LYR B 257 -10.94 -5.16 15.22
C LYR B 257 -12.12 -4.51 15.89
O LYR B 257 -13.27 -4.73 15.51
CB LYR B 257 -9.92 -5.56 16.28
CG LYR B 257 -9.55 -7.03 16.15
CD LYR B 257 -8.52 -7.24 15.04
CE LYR B 257 -7.13 -7.43 15.62
NZ LYR B 257 -6.11 -7.47 14.59
C1 LYR B 257 -6.44 -7.85 13.22
C2 LYR B 257 -5.17 -8.09 12.43
C3 LYR B 257 -5.15 -7.95 11.10
C4 LYR B 257 -6.38 -7.56 10.34
C5 LYR B 257 -3.87 -8.21 10.40
C6 LYR B 257 -3.76 -8.10 9.08
C7 LYR B 257 -2.45 -8.37 8.48
C80 LYR B 257 -2.24 -8.28 7.17
C8 LYR B 257 -3.33 -7.89 6.22
C9 LYR B 257 -0.88 -8.58 6.66
C10 LYR B 257 -0.59 -8.51 5.37
C11 LYR B 257 0.78 -8.82 4.91
C12 LYR B 257 1.04 -8.74 3.60
C13 LYR B 257 -0.02 -8.22 2.68
C14 LYR B 257 2.36 -9.17 3.00
C15 LYR B 257 3.14 -10.03 3.98
C16 LYR B 257 3.21 -9.30 5.32
C17 LYR B 257 1.82 -9.19 5.94
C18 LYR B 257 1.43 -10.54 6.55
C19 LYR B 257 1.84 -8.12 7.01
N ASN B 258 -11.83 -3.69 16.90
CA ASN B 258 -12.88 -3.10 17.72
C ASN B 258 -13.83 -2.21 16.91
N CYS B 259 -13.27 -1.17 16.29
CA CYS B 259 -14.08 -0.20 15.57
C CYS B 259 -14.81 -0.82 14.38
N TRP B 260 -14.11 -1.67 13.63
CA TRP B 260 -14.70 -2.32 12.47
C TRP B 260 -15.83 -3.26 12.89
N GLY B 261 -15.57 -4.09 13.88
CA GLY B 261 -16.57 -5.02 14.39
C GLY B 261 -17.80 -4.28 14.89
N LEU B 262 -17.58 -3.09 15.44
CA LEU B 262 -18.67 -2.28 15.96
C LEU B 262 -19.57 -1.81 14.81
N LEU B 263 -18.95 -1.53 13.66
CA LEU B 263 -19.70 -1.16 12.47
C LEU B 263 -20.50 -2.35 11.96
N GLY B 264 -19.87 -3.52 11.96
CA GLY B 264 -20.52 -4.74 11.50
C GLY B 264 -21.77 -5.04 12.31
N HIS B 265 -21.73 -4.69 13.59
CA HIS B 265 -22.87 -4.90 14.48
C HIS B 265 -24.00 -3.94 14.13
N TYR B 266 -23.65 -2.68 13.89
CA TYR B 266 -24.63 -1.66 13.56
C TYR B 266 -25.37 -2.01 12.27
N LEU B 267 -24.66 -2.64 11.34
CA LEU B 267 -25.25 -3.06 10.08
C LEU B 267 -26.28 -4.16 10.32
N ARG B 268 -25.90 -5.14 11.13
CA ARG B 268 -26.79 -6.25 11.46
C ARG B 268 -27.99 -5.77 12.25
N VAL B 269 -27.81 -4.68 13.01
CA VAL B 269 -28.91 -4.07 13.73
C VAL B 269 -29.87 -3.42 12.75
N LEU B 270 -29.31 -2.78 11.73
CA LEU B 270 -30.11 -2.07 10.74
C LEU B 270 -30.89 -3.02 9.84
N ILE B 271 -30.27 -4.16 9.52
CA ILE B 271 -30.93 -5.16 8.68
C ILE B 271 -32.07 -5.82 9.44
N HIS B 272 -31.93 -5.90 10.76
CA HIS B 272 -32.98 -6.44 11.61
C HIS B 272 -34.12 -5.44 11.69
N GLU B 273 -33.77 -4.15 11.74
CA GLU B 273 -34.77 -3.09 11.79
C GLU B 273 -35.52 -3.00 10.46
N HIS B 274 -34.76 -2.95 9.36
CA HIS B 274 -35.35 -2.88 8.04
C HIS B 274 -36.33 -4.03 7.81
N ILE B 275 -35.92 -5.23 8.19
CA ILE B 275 -36.74 -6.42 8.00
C ILE B 275 -38.05 -6.33 8.79
N LEU B 276 -38.00 -5.73 9.97
CA LEU B 276 -39.19 -5.57 10.79
C LEU B 276 -40.19 -4.67 10.09
N ILE B 277 -39.69 -3.76 9.25
CA ILE B 277 -40.52 -2.79 8.57
C ILE B 277 -41.08 -3.34 7.26
N HIS B 278 -40.30 -4.18 6.58
CA HIS B 278 -40.68 -4.66 5.26
C HIS B 278 -40.67 -6.18 5.18
N GLY B 279 -40.01 -6.83 6.14
CA GLY B 279 -39.86 -8.28 6.11
C GLY B 279 -38.79 -8.68 5.10
N ASP B 280 -38.84 -9.94 4.66
CA ASP B 280 -37.87 -10.44 3.70
C ASP B 280 -38.03 -9.73 2.35
N ILE B 281 -36.94 -9.12 1.88
CA ILE B 281 -36.95 -8.40 0.62
C ILE B 281 -35.58 -7.81 0.31
C9 OLC C . -5.77 -7.35 -5.87
C8 OLC C . -5.93 -6.47 -7.07
C24 OLC C . -17.36 -5.27 -12.32
C7 OLC C . -6.53 -7.26 -8.23
C6 OLC C . -7.07 -6.33 -9.32
C5 OLC C . -8.26 -6.95 -10.03
C4 OLC C . -9.52 -6.11 -9.81
C3 OLC C . -10.65 -6.58 -10.71
C2 OLC C . -12.01 -6.36 -10.04
C21 OLC C . -15.45 -5.77 -10.80
C1 OLC C . -13.12 -6.66 -11.02
C22 OLC C . -16.64 -6.37 -11.55
O19 OLC C . -12.89 -6.77 -12.21
O25 OLC C . -16.50 -4.75 -13.35
O23 OLC C . -16.19 -7.38 -12.45
O20 OLC C . -14.49 -6.80 -10.54
C10 OLC D . -2.84 10.81 -2.80
C9 OLC D . -3.28 11.46 -3.88
C11 OLC D . -1.53 11.20 -2.16
C8 OLC D . -4.59 11.05 -4.51
C24 OLC D . -15.77 11.42 -10.17
C7 OLC D . -5.61 12.16 -4.33
C6 OLC D . -6.98 11.59 -3.94
C5 OLC D . -7.59 10.80 -5.09
C4 OLC D . -8.22 11.73 -6.12
C3 OLC D . -9.43 11.08 -6.78
C2 OLC D . -10.64 12.00 -6.74
C21 OLC D . -13.93 12.07 -8.61
C1 OLC D . -11.59 11.65 -7.88
C22 OLC D . -14.97 11.00 -8.94
O25 OLC D . -15.49 10.54 -11.26
O23 OLC D . -14.32 9.74 -9.19
O20 OLC D . -13.02 11.57 -7.63
C10 OLC E . 4.63 8.62 -25.35
C9 OLC E . 3.70 7.67 -25.26
C11 OLC E . 5.27 9.17 -24.09
C8 OLC E . 3.06 7.13 -26.52
C12 OLC E . 5.94 10.51 -24.40
C7 OLC E . 1.65 7.68 -26.68
C6 OLC E . 1.50 8.46 -27.99
C5 OLC E . 0.06 8.89 -28.22
C4 OLC E . -0.14 9.41 -29.65
C3 OLC E . -1.57 9.89 -29.87
C2 OLC E . -1.77 10.37 -31.31
C21 OLC E . -4.37 9.40 -33.99
C1 OLC E . -2.94 9.61 -31.95
C22 OLC E . -5.66 10.11 -34.42
O20 OLC E . -3.62 10.22 -33.09
C18 OLC F . 5.90 6.16 10.30
C10 OLC F . 5.40 5.80 4.24
C9 OLC F . 6.61 5.26 4.41
C17 OLC F . 4.40 5.97 10.15
C11 OLC F . 4.22 5.26 5.03
C8 OLC F . 7.79 5.79 3.63
C16 OLC F . 4.02 5.78 8.69
C12 OLC F . 2.98 6.09 4.75
C7 OLC F . 9.06 5.70 4.46
C15 OLC F . 2.56 6.15 8.46
C13 OLC F . 2.47 6.76 6.02
C14 OLC F . 2.09 5.72 7.07
P PO4 G . 20.94 -4.79 -3.29
O1 PO4 G . 22.29 -4.21 -3.67
O2 PO4 G . 20.62 -5.94 -4.20
O3 PO4 G . 19.88 -3.72 -3.42
O4 PO4 G . 20.99 -5.28 -1.86
C1 LFA H . -6.65 -18.13 -21.90
C2 LFA H . -6.18 -16.73 -22.24
C3 LFA H . -4.74 -16.74 -22.69
C4 LFA H . -4.16 -15.31 -22.74
C5 LFA H . -2.68 -15.34 -23.06
C6 LFA H . -1.87 -14.52 -22.05
C7 LFA H . -0.58 -13.99 -22.67
C8 LFA H . -0.46 -12.48 -22.51
C9 LFA H . 0.82 -11.96 -23.12
C10 LFA H . 1.53 -10.98 -22.19
C11 LFA H . 3.04 -11.05 -22.38
C12 LFA H . 3.68 -12.08 -21.46
C13 LFA H . 4.95 -12.67 -22.08
C14 LFA H . 5.12 -14.14 -21.70
C15 LFA H . 5.45 -14.29 -20.22
C10 LFA I . 17.24 9.25 -28.60
C11 LFA I . 16.97 9.96 -27.28
C12 LFA I . 18.01 9.59 -26.23
C13 LFA I . 17.57 8.39 -25.40
C10 OLC J . 11.20 -7.34 2.71
C9 OLC J . 12.33 -7.34 3.41
C11 OLC J . 10.65 -6.05 2.16
C8 OLC J . 13.07 -6.06 3.67
C12 OLC J . 10.43 -6.18 0.66
C7 OLC J . 14.54 -6.35 3.97
C13 OLC J . 9.98 -4.86 0.05
C6 OLC J . 15.12 -5.35 4.95
C5 OLC J . 16.53 -5.74 5.38
C9 OLC K . -2.34 4.57 10.81
C8 OLC K . -1.66 4.66 12.14
C24 OLC K . 9.68 7.35 17.40
C7 OLC K . -0.15 4.51 11.97
C6 OLC K . 0.60 5.35 12.99
C5 OLC K . 2.10 5.32 12.72
C4 OLC K . 2.89 5.03 13.99
C3 OLC K . 4.13 5.92 14.09
C2 OLC K . 4.79 5.78 15.46
C21 OLC K . 7.64 5.94 17.09
C1 OLC K . 5.84 6.85 15.63
C22 OLC K . 8.96 6.39 16.47
O19 OLC K . 6.03 7.68 14.75
O25 OLC K . 10.26 6.62 18.49
O23 OLC K . 9.78 5.26 16.21
O20 OLC K . 6.63 6.92 16.84
C10 OLC L . -1.91 -14.72 21.57
C9 OLC L . -1.28 -15.88 21.78
C11 OLC L . -3.32 -14.53 22.06
C8 OLC L . 0.12 -16.08 21.29
C24 OLC L . 8.10 -16.51 31.04
C12 OLC L . -3.62 -13.04 22.20
C7 OLC L . 0.99 -16.69 22.39
C6 OLC L . 1.40 -15.63 23.41
C5 OLC L . 2.65 -16.05 24.16
C4 OLC L . 2.39 -16.11 25.66
C3 OLC L . 2.77 -14.79 26.32
C2 OLC L . 2.94 -14.97 27.83
C21 OLC L . 6.20 -16.00 29.52
C1 OLC L . 4.41 -14.87 28.19
C22 OLC L . 6.64 -16.11 30.97
O19 OLC L . 5.20 -14.33 27.44
O25 OLC L . 8.68 -16.04 32.27
O23 OLC L . 6.44 -14.86 31.65
O20 OLC L . 4.89 -15.42 29.45
P PO4 M . -15.02 -14.69 -5.98
O1 PO4 M . -14.91 -14.06 -7.34
O2 PO4 M . -14.31 -16.03 -5.98
O3 PO4 M . -14.40 -13.79 -4.95
O4 PO4 M . -16.49 -14.91 -5.65
#